data_4FXU
#
_entry.id   4FXU
#
_cell.length_a   67.420
_cell.length_b   93.480
_cell.length_c   103.300
_cell.angle_alpha   90.00
_cell.angle_beta   90.00
_cell.angle_gamma   90.00
#
_symmetry.space_group_name_H-M   'P 21 21 21'
#
loop_
_entity.id
_entity.type
_entity.pdbx_description
1 polymer 'Riboflavin synthase subunit alpha'
2 water water
#
_entity_poly.entity_id   1
_entity_poly.type   'polypeptide(L)'
_entity_poly.pdbx_seq_one_letter_code
;MFTGIITDIGKVDRVKPLNEGVLLRIETAYDPETIELGASIACSGVCLTVVALPEKGSNARWFEVEAWEEALRLTTISSW
QSGRKINLERSLKLGDEMGGHLVFGHVDGQAEIVERKDEGDAVRFTLRAPEELAPFIAQKGSVALDGTSLTVNGVNANEF
DVLLIRHSLEVTTWGERKAGDKVNIEIDQLARYAARLAQYQKLEHHHHHH
;
_entity_poly.pdbx_strand_id   A,B,C
#
# COMPACT_ATOMS: atom_id res chain seq x y z
N MET A 1 6.71 4.50 -0.07
CA MET A 1 6.84 3.70 1.14
C MET A 1 7.95 2.67 1.03
N PHE A 2 8.42 2.20 2.18
CA PHE A 2 9.55 1.30 2.39
C PHE A 2 9.25 0.21 3.41
N THR A 3 10.19 -0.73 3.57
CA THR A 3 10.07 -1.86 4.49
C THR A 3 10.96 -1.78 5.70
N GLY A 4 11.94 -0.88 5.68
CA GLY A 4 12.91 -0.76 6.77
C GLY A 4 13.99 -1.81 6.69
N ILE A 5 14.14 -2.45 5.52
CA ILE A 5 15.18 -3.45 5.32
C ILE A 5 16.22 -2.79 4.41
N ILE A 6 17.38 -2.48 4.95
CA ILE A 6 18.44 -1.74 4.23
C ILE A 6 19.06 -2.61 3.12
N THR A 7 19.16 -2.06 1.92
CA THR A 7 19.70 -2.81 0.76
C THR A 7 21.08 -2.38 0.30
N ASP A 8 21.56 -1.21 0.78
CA ASP A 8 22.91 -0.75 0.43
C ASP A 8 23.40 0.27 1.44
N ILE A 9 24.73 0.38 1.57
CA ILE A 9 25.36 1.41 2.38
C ILE A 9 25.89 2.43 1.37
N GLY A 10 25.23 3.57 1.30
CA GLY A 10 25.63 4.62 0.38
C GLY A 10 26.73 5.47 0.99
N LYS A 11 27.41 6.24 0.15
CA LYS A 11 28.45 7.13 0.63
C LYS A 11 28.22 8.50 -0.01
N VAL A 12 27.92 9.52 0.82
CA VAL A 12 27.73 10.90 0.38
C VAL A 12 29.09 11.33 -0.24
N ASP A 13 29.04 11.82 -1.49
CA ASP A 13 30.16 12.17 -2.36
C ASP A 13 30.34 13.68 -2.47
N ARG A 14 29.22 14.40 -2.42
CA ARG A 14 29.18 15.84 -2.60
C ARG A 14 27.97 16.41 -1.86
N VAL A 15 28.19 17.55 -1.18
CA VAL A 15 27.12 18.27 -0.48
C VAL A 15 27.14 19.67 -1.08
N LYS A 16 26.11 20.04 -1.83
CA LYS A 16 26.07 21.35 -2.49
C LYS A 16 24.93 22.15 -1.92
N PRO A 17 25.23 23.27 -1.23
CA PRO A 17 24.16 24.11 -0.66
C PRO A 17 23.23 24.69 -1.71
N LEU A 18 21.98 24.85 -1.30
CA LEU A 18 20.86 25.43 -2.05
C LEU A 18 20.16 26.37 -1.06
N ASN A 19 19.14 27.11 -1.53
CA ASN A 19 18.36 28.03 -0.69
C ASN A 19 17.84 27.35 0.58
N GLU A 20 17.17 26.21 0.43
CA GLU A 20 16.57 25.46 1.55
C GLU A 20 17.55 24.84 2.60
N GLY A 21 18.28 23.76 2.31
CA GLY A 21 18.28 22.97 1.09
C GLY A 21 19.69 22.58 0.69
N VAL A 22 19.87 21.30 0.34
CA VAL A 22 21.15 20.75 -0.11
C VAL A 22 20.96 19.73 -1.22
N LEU A 23 22.00 19.61 -2.06
CA LEU A 23 22.03 18.62 -3.11
C LEU A 23 23.03 17.61 -2.64
N LEU A 24 22.61 16.34 -2.56
CA LEU A 24 23.49 15.29 -2.11
C LEU A 24 23.78 14.34 -3.24
N ARG A 25 25.06 14.03 -3.45
CA ARG A 25 25.48 13.04 -4.43
C ARG A 25 25.93 11.82 -3.63
N ILE A 26 25.31 10.68 -3.89
CA ILE A 26 25.53 9.47 -3.13
C ILE A 26 26.07 8.37 -4.01
N GLU A 27 27.24 7.80 -3.62
CA GLU A 27 27.84 6.64 -4.26
C GLU A 27 27.01 5.44 -3.80
N THR A 28 26.71 4.52 -4.71
CA THR A 28 25.85 3.36 -4.41
C THR A 28 26.27 2.09 -5.17
N ALA A 29 25.73 0.94 -4.75
CA ALA A 29 25.89 -0.34 -5.43
C ALA A 29 24.66 -0.55 -6.33
N TYR A 30 23.66 0.38 -6.26
CA TYR A 30 22.45 0.29 -7.10
C TYR A 30 22.81 0.58 -8.56
N ASP A 31 22.13 -0.07 -9.50
CA ASP A 31 22.34 0.17 -10.93
C ASP A 31 21.56 1.43 -11.29
N PRO A 32 22.24 2.56 -11.61
CA PRO A 32 21.52 3.80 -11.91
C PRO A 32 20.55 3.72 -13.09
N GLU A 33 20.67 2.65 -13.91
CA GLU A 33 19.74 2.42 -15.04
C GLU A 33 18.40 1.93 -14.53
N THR A 34 18.36 1.38 -13.31
CA THR A 34 17.12 0.93 -12.65
C THR A 34 16.41 2.11 -11.94
N ILE A 35 17.11 3.27 -11.81
CA ILE A 35 16.55 4.46 -11.17
C ILE A 35 16.05 5.46 -12.22
N GLU A 36 14.89 6.06 -11.97
CA GLU A 36 14.28 7.08 -12.81
C GLU A 36 14.29 8.39 -12.03
N LEU A 37 14.33 9.54 -12.72
CA LEU A 37 14.24 10.84 -12.07
C LEU A 37 12.88 10.90 -11.39
N GLY A 38 12.85 11.45 -10.18
CA GLY A 38 11.63 11.54 -9.38
C GLY A 38 11.39 10.36 -8.46
N ALA A 39 12.26 9.33 -8.51
CA ALA A 39 12.14 8.14 -7.67
C ALA A 39 12.46 8.52 -6.21
N SER A 40 11.81 7.85 -5.25
CA SER A 40 12.00 8.10 -3.82
C SER A 40 12.94 7.05 -3.30
N ILE A 41 14.02 7.50 -2.63
CA ILE A 41 15.01 6.62 -2.01
C ILE A 41 15.14 7.02 -0.50
N ALA A 42 14.99 6.05 0.40
CA ALA A 42 15.14 6.32 1.83
C ALA A 42 16.64 6.41 2.14
N CYS A 43 17.09 7.59 2.61
CA CYS A 43 18.49 7.85 2.92
C CYS A 43 18.61 7.99 4.43
N SER A 44 19.14 6.94 5.09
CA SER A 44 19.20 6.80 6.55
C SER A 44 17.82 7.17 7.15
N GLY A 45 16.79 6.64 6.50
CA GLY A 45 15.40 6.79 6.91
C GLY A 45 14.66 8.00 6.43
N VAL A 46 15.31 8.88 5.66
CA VAL A 46 14.66 10.09 5.16
C VAL A 46 14.27 9.87 3.69
N CYS A 47 12.97 10.01 3.40
CA CYS A 47 12.49 9.86 2.02
C CYS A 47 12.93 11.06 1.17
N LEU A 48 13.81 10.83 0.20
CA LEU A 48 14.38 11.88 -0.63
C LEU A 48 14.17 11.55 -2.13
N THR A 49 13.99 12.61 -2.96
CA THR A 49 13.69 12.49 -4.40
C THR A 49 14.95 12.57 -5.29
N VAL A 50 15.08 11.62 -6.23
CA VAL A 50 16.21 11.55 -7.18
C VAL A 50 16.07 12.68 -8.21
N VAL A 51 17.07 13.57 -8.25
CA VAL A 51 17.09 14.72 -9.16
C VAL A 51 18.05 14.53 -10.35
N ALA A 52 19.12 13.70 -10.20
CA ALA A 52 20.07 13.49 -11.29
C ALA A 52 20.71 12.12 -11.19
N LEU A 53 21.13 11.59 -12.34
CA LEU A 53 21.79 10.28 -12.46
C LEU A 53 22.92 10.34 -13.49
N PRO A 54 23.92 9.41 -13.46
CA PRO A 54 24.98 9.43 -14.49
C PRO A 54 24.42 9.16 -15.89
N ARG A 61 29.03 4.15 -9.78
CA ARG A 61 27.59 4.38 -9.69
C ARG A 61 27.24 5.37 -8.56
N TRP A 62 26.38 6.31 -8.88
CA TRP A 62 25.89 7.34 -7.96
C TRP A 62 24.53 7.86 -8.44
N PHE A 63 23.78 8.51 -7.55
CA PHE A 63 22.50 9.15 -7.84
C PHE A 63 22.51 10.43 -7.02
N GLU A 64 21.75 11.42 -7.44
CA GLU A 64 21.75 12.70 -6.75
C GLU A 64 20.37 13.02 -6.26
N VAL A 65 20.26 13.40 -4.96
CA VAL A 65 18.98 13.76 -4.35
C VAL A 65 19.02 15.19 -3.80
N GLU A 66 17.84 15.75 -3.55
CA GLU A 66 17.70 17.06 -2.95
C GLU A 66 16.98 16.94 -1.60
N ALA A 67 17.59 17.45 -0.55
CA ALA A 67 17.01 17.45 0.79
C ALA A 67 16.57 18.88 1.05
N TRP A 68 15.27 19.09 1.18
CA TRP A 68 14.77 20.44 1.41
C TRP A 68 14.93 20.90 2.87
N GLU A 69 14.59 22.16 3.15
CA GLU A 69 14.70 22.84 4.45
C GLU A 69 14.21 22.02 5.65
N GLU A 70 12.95 21.55 5.64
CA GLU A 70 12.38 20.80 6.78
C GLU A 70 13.19 19.54 7.08
N ALA A 71 13.49 18.74 6.05
CA ALA A 71 14.28 17.50 6.16
C ALA A 71 15.72 17.84 6.63
N LEU A 72 16.35 18.87 6.01
CA LEU A 72 17.70 19.30 6.38
C LEU A 72 17.79 19.61 7.88
N ARG A 73 16.86 20.42 8.39
CA ARG A 73 16.88 20.89 9.77
C ARG A 73 16.40 19.89 10.84
N LEU A 74 15.38 19.09 10.52
CA LEU A 74 14.80 18.14 11.47
C LEU A 74 15.60 16.83 11.59
N THR A 75 16.22 16.40 10.52
CA THR A 75 16.93 15.11 10.46
C THR A 75 18.44 15.33 10.64
N THR A 76 19.19 14.24 10.67
CA THR A 76 20.65 14.27 10.82
C THR A 76 21.34 14.83 9.55
N ILE A 77 20.58 15.02 8.43
CA ILE A 77 21.11 15.52 7.15
C ILE A 77 21.95 16.80 7.32
N SER A 78 21.58 17.67 8.28
CA SER A 78 22.34 18.90 8.57
C SER A 78 23.83 18.64 8.91
N SER A 79 24.14 17.46 9.42
CA SER A 79 25.52 17.13 9.76
C SER A 79 26.20 16.33 8.63
N TRP A 80 25.48 15.92 7.55
CA TRP A 80 26.14 15.06 6.53
C TRP A 80 27.18 15.83 5.72
N GLN A 81 28.39 15.30 5.68
CA GLN A 81 29.52 15.84 4.90
C GLN A 81 29.98 14.76 3.94
N SER A 82 30.87 15.10 3.00
CA SER A 82 31.37 14.11 2.06
C SER A 82 32.09 12.99 2.85
N GLY A 83 31.84 11.74 2.49
CA GLY A 83 32.43 10.60 3.19
C GLY A 83 31.45 9.89 4.11
N ARG A 84 30.39 10.60 4.53
CA ARG A 84 29.33 10.05 5.38
C ARG A 84 28.68 8.80 4.76
N LYS A 85 28.67 7.70 5.52
CA LYS A 85 27.97 6.47 5.13
C LYS A 85 26.54 6.53 5.61
N ILE A 86 25.60 6.11 4.74
CA ILE A 86 24.17 6.19 5.02
C ILE A 86 23.49 4.92 4.60
N ASN A 87 22.38 4.59 5.27
CA ASN A 87 21.56 3.46 4.91
C ASN A 87 20.70 3.78 3.71
N LEU A 88 20.64 2.86 2.73
CA LEU A 88 19.79 3.10 1.56
C LEU A 88 18.72 2.03 1.40
N GLU A 89 17.58 2.45 0.93
CA GLU A 89 16.47 1.57 0.64
C GLU A 89 15.65 2.15 -0.47
N ARG A 90 15.36 1.34 -1.51
CA ARG A 90 14.50 1.77 -2.61
C ARG A 90 13.02 1.60 -2.21
N SER A 91 12.12 2.37 -2.85
CA SER A 91 10.68 2.30 -2.63
C SER A 91 10.15 0.91 -2.93
N LEU A 92 9.13 0.50 -2.17
CA LEU A 92 8.44 -0.75 -2.39
C LEU A 92 7.74 -0.69 -3.77
N LYS A 93 7.85 -1.76 -4.54
CA LYS A 93 7.21 -1.86 -5.87
C LYS A 93 5.91 -2.65 -5.71
N LEU A 94 4.90 -2.32 -6.54
CA LEU A 94 3.62 -3.04 -6.50
C LEU A 94 3.85 -4.48 -6.98
N GLY A 95 3.51 -5.41 -6.09
CA GLY A 95 3.71 -6.85 -6.28
C GLY A 95 4.58 -7.41 -5.17
N ASP A 96 5.51 -6.58 -4.66
CA ASP A 96 6.40 -6.97 -3.57
C ASP A 96 5.64 -7.13 -2.27
N GLU A 97 6.15 -8.00 -1.40
CA GLU A 97 5.54 -8.25 -0.10
C GLU A 97 5.89 -7.10 0.84
N MET A 98 4.91 -6.71 1.66
CA MET A 98 5.04 -5.73 2.73
C MET A 98 5.24 -6.69 3.89
N GLY A 99 6.30 -6.52 4.65
CA GLY A 99 6.58 -7.41 5.76
C GLY A 99 5.80 -7.05 7.00
N GLY A 100 6.46 -7.15 8.15
CA GLY A 100 5.87 -6.84 9.44
C GLY A 100 5.82 -5.37 9.79
N HIS A 101 6.74 -4.54 9.18
CA HIS A 101 6.83 -3.10 9.49
C HIS A 101 7.04 -2.15 8.30
N LEU A 102 5.97 -1.46 7.89
CA LEU A 102 5.98 -0.45 6.83
C LEU A 102 6.65 0.79 7.32
N VAL A 103 7.52 1.38 6.48
CA VAL A 103 8.27 2.61 6.81
C VAL A 103 7.96 3.61 5.69
N PHE A 104 7.62 4.86 6.04
CA PHE A 104 7.29 5.91 5.07
C PHE A 104 8.40 6.93 4.80
N GLY A 105 9.44 6.93 5.62
CA GLY A 105 10.56 7.84 5.43
C GLY A 105 10.32 9.28 5.80
N HIS A 106 9.27 9.56 6.60
CA HIS A 106 8.95 10.90 7.09
C HIS A 106 9.25 10.79 8.59
N VAL A 107 10.48 11.08 8.95
CA VAL A 107 10.96 10.93 10.32
C VAL A 107 10.32 11.93 11.30
N ASP A 108 10.06 11.47 12.52
CA ASP A 108 9.47 12.28 13.57
C ASP A 108 10.53 13.21 14.19
N GLY A 109 11.81 12.81 14.07
CA GLY A 109 12.92 13.59 14.60
C GLY A 109 14.18 12.76 14.77
N GLN A 110 14.96 13.05 15.83
CA GLN A 110 16.21 12.35 16.09
C GLN A 110 16.29 11.81 17.48
N ALA A 111 16.93 10.63 17.63
CA ALA A 111 17.21 10.06 18.93
C ALA A 111 18.74 10.02 19.08
N GLU A 112 19.24 9.96 20.31
CA GLU A 112 20.69 9.91 20.51
C GLU A 112 21.05 8.59 21.18
N ILE A 113 22.11 7.94 20.69
CA ILE A 113 22.61 6.72 21.28
C ILE A 113 23.36 7.18 22.52
N VAL A 114 22.92 6.70 23.68
CA VAL A 114 23.58 7.11 24.93
C VAL A 114 24.53 6.05 25.43
N GLU A 115 24.32 4.80 25.01
CA GLU A 115 25.17 3.69 25.35
C GLU A 115 25.10 2.59 24.29
N ARG A 116 26.23 1.92 24.07
CA ARG A 116 26.36 0.79 23.19
C ARG A 116 27.08 -0.31 24.01
N LYS A 117 26.50 -1.51 24.11
CA LYS A 117 27.11 -2.59 24.87
C LYS A 117 26.99 -3.95 24.16
N ASP A 118 28.09 -4.73 24.17
CA ASP A 118 28.09 -6.07 23.57
C ASP A 118 27.19 -6.97 24.38
N GLU A 119 26.44 -7.82 23.70
CA GLU A 119 25.54 -8.80 24.30
C GLU A 119 25.61 -10.10 23.47
N GLY A 120 26.67 -10.87 23.70
CA GLY A 120 26.94 -12.13 22.98
C GLY A 120 27.11 -11.91 21.49
N ASP A 121 26.20 -12.51 20.68
CA ASP A 121 26.17 -12.42 19.22
C ASP A 121 25.37 -11.18 18.71
N ALA A 122 25.18 -10.18 19.60
CA ALA A 122 24.45 -8.95 19.32
C ALA A 122 25.04 -7.74 20.06
N VAL A 123 24.53 -6.54 19.76
CA VAL A 123 24.95 -5.30 20.40
C VAL A 123 23.71 -4.57 20.85
N ARG A 124 23.73 -4.14 22.11
CA ARG A 124 22.61 -3.48 22.73
C ARG A 124 22.86 -1.99 22.72
N PHE A 125 22.00 -1.25 22.05
CA PHE A 125 22.11 0.20 22.02
C PHE A 125 20.99 0.77 22.87
N THR A 126 21.35 1.70 23.77
CA THR A 126 20.39 2.46 24.55
C THR A 126 20.32 3.86 23.87
N LEU A 127 19.12 4.33 23.63
CA LEU A 127 18.89 5.62 22.99
C LEU A 127 18.03 6.49 23.85
N ARG A 128 18.27 7.80 23.76
CA ARG A 128 17.40 8.79 24.38
C ARG A 128 16.53 9.35 23.27
N ALA A 129 15.25 9.45 23.57
CA ALA A 129 14.27 9.97 22.64
C ALA A 129 13.74 11.36 23.11
N PRO A 130 13.35 12.29 22.20
CA PRO A 130 12.65 13.51 22.66
C PRO A 130 11.37 13.15 23.39
N GLU A 131 10.98 13.95 24.41
CA GLU A 131 9.82 13.67 25.27
C GLU A 131 8.50 13.53 24.50
N GLU A 132 8.33 14.27 23.41
CA GLU A 132 7.13 14.23 22.56
C GLU A 132 6.96 12.85 21.90
N LEU A 133 8.08 12.11 21.71
CA LEU A 133 8.10 10.81 21.03
C LEU A 133 7.98 9.64 21.98
N ALA A 134 8.56 9.78 23.19
CA ALA A 134 8.56 8.74 24.23
C ALA A 134 7.22 7.98 24.44
N PRO A 135 6.01 8.59 24.45
CA PRO A 135 4.80 7.77 24.63
C PRO A 135 4.50 6.79 23.49
N PHE A 136 4.94 7.11 22.25
CA PHE A 136 4.75 6.23 21.10
C PHE A 136 5.68 5.03 21.10
N ILE A 137 6.77 5.10 21.85
CA ILE A 137 7.79 4.06 21.91
C ILE A 137 7.33 3.02 22.94
N ALA A 138 7.06 1.79 22.46
CA ALA A 138 6.55 0.71 23.29
C ALA A 138 7.30 -0.57 23.07
N GLN A 139 7.55 -1.31 24.16
CA GLN A 139 8.24 -2.60 24.15
C GLN A 139 7.49 -3.50 23.14
N LYS A 140 8.24 -4.26 22.35
CA LYS A 140 7.72 -5.17 21.31
C LYS A 140 7.25 -4.45 20.06
N GLY A 141 7.14 -3.12 20.13
CA GLY A 141 6.76 -2.29 18.98
C GLY A 141 7.91 -2.14 18.02
N SER A 142 7.64 -1.82 16.75
CA SER A 142 8.69 -1.60 15.74
C SER A 142 8.91 -0.12 15.60
N VAL A 143 10.16 0.28 15.33
CA VAL A 143 10.55 1.68 15.13
C VAL A 143 11.58 1.69 13.98
N ALA A 144 11.64 2.76 13.19
CA ALA A 144 12.68 2.86 12.14
C ALA A 144 13.74 3.83 12.66
N LEU A 145 14.98 3.35 12.84
CA LEU A 145 16.09 4.14 13.34
C LEU A 145 17.15 4.17 12.23
N ASP A 146 17.45 5.35 11.67
CA ASP A 146 18.32 5.52 10.47
C ASP A 146 17.77 4.66 9.33
N GLY A 147 16.43 4.58 9.27
CA GLY A 147 15.67 3.80 8.27
C GLY A 147 15.67 2.30 8.42
N THR A 148 16.22 1.79 9.54
CA THR A 148 16.32 0.36 9.84
C THR A 148 15.16 -0.03 10.76
N SER A 149 14.31 -0.96 10.31
CA SER A 149 13.20 -1.43 11.14
C SER A 149 13.77 -2.26 12.26
N LEU A 150 13.47 -1.88 13.50
CA LEU A 150 14.00 -2.60 14.66
C LEU A 150 12.91 -2.75 15.70
N THR A 151 13.03 -3.75 16.56
CA THR A 151 12.04 -3.98 17.60
C THR A 151 12.54 -3.33 18.88
N VAL A 152 11.62 -2.61 19.56
CA VAL A 152 11.95 -1.97 20.85
C VAL A 152 12.02 -3.11 21.87
N ASN A 153 13.25 -3.38 22.37
CA ASN A 153 13.49 -4.47 23.32
C ASN A 153 12.96 -4.09 24.74
N GLY A 154 13.03 -2.81 25.05
CA GLY A 154 12.60 -2.31 26.35
C GLY A 154 12.55 -0.81 26.39
N VAL A 155 11.69 -0.27 27.26
CA VAL A 155 11.57 1.17 27.45
C VAL A 155 11.78 1.50 28.94
N ASN A 156 12.44 2.62 29.20
CA ASN A 156 12.71 3.11 30.55
C ASN A 156 12.64 4.64 30.49
N ALA A 157 11.43 5.21 30.74
CA ALA A 157 11.10 6.64 30.67
C ALA A 157 11.37 7.18 29.25
N ASN A 158 12.37 8.06 29.09
CA ASN A 158 12.69 8.63 27.77
C ASN A 158 13.85 7.88 27.09
N GLU A 159 14.24 6.74 27.66
CA GLU A 159 15.25 5.88 27.06
C GLU A 159 14.64 4.58 26.60
N PHE A 160 15.24 4.00 25.56
CA PHE A 160 14.79 2.71 25.02
C PHE A 160 15.96 1.97 24.45
N ASP A 161 15.83 0.65 24.40
CA ASP A 161 16.88 -0.25 23.91
C ASP A 161 16.45 -0.97 22.66
N VAL A 162 17.41 -1.23 21.78
CA VAL A 162 17.27 -2.06 20.58
C VAL A 162 18.45 -2.99 20.60
N LEU A 163 18.24 -4.23 20.18
CA LEU A 163 19.29 -5.22 20.11
C LEU A 163 19.58 -5.44 18.63
N LEU A 164 20.83 -5.24 18.23
CA LEU A 164 21.21 -5.47 16.84
C LEU A 164 22.12 -6.67 16.74
N ILE A 165 21.64 -7.69 15.98
CA ILE A 165 22.41 -8.92 15.73
C ILE A 165 23.64 -8.57 14.90
N ARG A 166 24.71 -9.39 15.01
CA ARG A 166 26.00 -9.18 14.32
C ARG A 166 25.87 -8.83 12.84
N HIS A 167 24.95 -9.53 12.12
CA HIS A 167 24.73 -9.35 10.69
C HIS A 167 24.28 -7.94 10.33
N SER A 168 23.29 -7.41 11.10
CA SER A 168 22.74 -6.06 10.92
C SER A 168 23.82 -5.00 11.08
N LEU A 169 24.79 -5.25 11.97
CA LEU A 169 25.93 -4.36 12.16
C LEU A 169 26.83 -4.27 10.92
N GLU A 170 26.99 -5.39 10.20
CA GLU A 170 27.82 -5.52 8.99
C GLU A 170 27.19 -4.90 7.73
N VAL A 171 25.88 -5.13 7.53
CA VAL A 171 25.12 -4.70 6.34
C VAL A 171 24.41 -3.34 6.44
N THR A 172 24.58 -2.63 7.57
CA THR A 172 24.00 -1.27 7.75
C THR A 172 25.05 -0.38 8.39
N THR A 173 24.72 0.91 8.57
CA THR A 173 25.67 1.83 9.20
C THR A 173 25.74 1.64 10.75
N TRP A 174 24.95 0.72 11.31
CA TRP A 174 24.93 0.47 12.74
C TRP A 174 26.26 -0.02 13.33
N GLY A 175 27.07 -0.74 12.52
CA GLY A 175 28.38 -1.22 12.93
C GLY A 175 29.33 -0.12 13.37
N GLU A 176 29.24 1.04 12.71
CA GLU A 176 30.07 2.19 13.06
C GLU A 176 29.42 3.18 14.06
N ARG A 177 28.17 2.96 14.46
CA ARG A 177 27.50 3.83 15.44
C ARG A 177 28.19 3.76 16.80
N LYS A 178 28.27 4.90 17.48
CA LYS A 178 28.87 4.97 18.80
C LYS A 178 28.01 5.85 19.71
N ALA A 179 28.25 5.74 21.02
CA ALA A 179 27.56 6.52 22.02
C ALA A 179 27.80 8.01 21.73
N GLY A 180 26.73 8.78 21.75
CA GLY A 180 26.76 10.20 21.42
C GLY A 180 26.18 10.50 20.04
N ASP A 181 26.16 9.51 19.13
CA ASP A 181 25.63 9.70 17.77
C ASP A 181 24.17 9.96 17.75
N LYS A 182 23.74 10.76 16.76
CA LYS A 182 22.34 11.02 16.51
C LYS A 182 21.88 10.10 15.40
N VAL A 183 20.64 9.61 15.51
CA VAL A 183 20.03 8.77 14.47
C VAL A 183 18.66 9.35 14.16
N ASN A 184 18.14 9.09 12.97
CA ASN A 184 16.79 9.54 12.61
C ASN A 184 15.83 8.54 13.20
N ILE A 185 14.71 9.02 13.65
CA ILE A 185 13.70 8.12 14.21
C ILE A 185 12.34 8.32 13.54
N GLU A 186 11.67 7.20 13.17
CA GLU A 186 10.31 7.25 12.63
C GLU A 186 9.42 6.31 13.44
N ILE A 187 8.40 6.83 14.05
CA ILE A 187 7.47 6.04 14.84
C ILE A 187 6.63 5.18 13.89
N ASP A 188 6.24 3.97 14.32
CA ASP A 188 5.39 3.10 13.54
C ASP A 188 4.07 3.81 13.20
N GLN A 189 3.70 3.78 11.90
CA GLN A 189 2.50 4.39 11.35
C GLN A 189 1.21 3.94 12.12
N LEU A 190 1.02 2.62 12.28
CA LEU A 190 -0.16 2.07 12.94
C LEU A 190 -0.31 2.52 14.40
N ALA A 191 0.82 2.64 15.11
CA ALA A 191 0.89 3.15 16.48
C ALA A 191 0.47 4.62 16.54
N ARG A 192 0.78 5.43 15.49
CA ARG A 192 0.33 6.83 15.52
C ARG A 192 -1.16 6.95 15.30
N TYR A 193 -1.74 6.12 14.40
CA TYR A 193 -3.20 6.13 14.16
C TYR A 193 -3.96 5.65 15.39
N ALA A 194 -3.44 4.62 16.06
CA ALA A 194 -4.00 4.03 17.28
C ALA A 194 -4.09 5.06 18.42
N ALA A 195 -3.01 5.84 18.65
CA ALA A 195 -2.93 6.89 19.67
C ALA A 195 -3.86 8.05 19.27
N ARG A 196 -3.90 8.42 17.96
CA ARG A 196 -4.76 9.52 17.49
C ARG A 196 -6.22 9.17 17.65
N LEU A 197 -6.57 7.89 17.42
CA LEU A 197 -7.95 7.41 17.58
C LEU A 197 -8.29 7.33 19.07
N ALA A 198 -7.36 6.84 19.93
CA ALA A 198 -7.58 6.73 21.39
C ALA A 198 -7.83 8.12 22.01
N GLN A 199 -7.08 9.16 21.59
CA GLN A 199 -7.26 10.53 22.09
C GLN A 199 -8.64 11.16 21.77
N TYR A 200 -9.61 10.34 21.30
CA TYR A 200 -10.99 10.69 20.97
C TYR A 200 -11.95 9.91 21.88
N MET B 1 -5.58 1.10 -7.94
CA MET B 1 -4.70 1.55 -6.87
C MET B 1 -3.74 2.61 -7.37
N PHE B 2 -3.42 3.58 -6.49
CA PHE B 2 -2.54 4.72 -6.75
C PHE B 2 -1.55 4.91 -5.60
N THR B 3 -0.58 5.83 -5.77
CA THR B 3 0.40 6.11 -4.73
C THR B 3 0.37 7.58 -4.29
N GLY B 4 -0.39 8.40 -5.01
CA GLY B 4 -0.51 9.82 -4.68
C GLY B 4 0.60 10.69 -5.24
N ILE B 5 1.40 10.14 -6.18
CA ILE B 5 2.44 10.94 -6.83
C ILE B 5 1.88 11.39 -8.18
N ILE B 6 1.55 12.69 -8.28
CA ILE B 6 0.96 13.32 -9.46
C ILE B 6 1.99 13.39 -10.60
N THR B 7 1.61 12.92 -11.79
CA THR B 7 2.46 12.85 -12.98
C THR B 7 1.99 13.77 -14.12
N ASP B 8 0.78 14.36 -14.00
CA ASP B 8 0.21 15.28 -15.00
C ASP B 8 -0.89 16.21 -14.48
N ILE B 9 -1.01 17.40 -15.08
CA ILE B 9 -2.09 18.35 -14.78
C ILE B 9 -2.99 18.31 -16.00
N GLY B 10 -4.23 17.90 -15.77
CA GLY B 10 -5.25 17.81 -16.81
C GLY B 10 -6.14 19.03 -16.83
N LYS B 11 -6.38 19.56 -18.04
CA LYS B 11 -7.28 20.69 -18.23
C LYS B 11 -8.60 20.10 -18.72
N VAL B 12 -9.71 20.43 -18.04
CA VAL B 12 -11.03 19.93 -18.44
C VAL B 12 -11.54 20.75 -19.62
N ASP B 13 -11.77 20.08 -20.76
CA ASP B 13 -12.25 20.70 -22.00
C ASP B 13 -13.78 20.84 -21.97
N ARG B 14 -14.52 19.71 -21.96
CA ARG B 14 -15.99 19.68 -21.93
C ARG B 14 -16.52 18.74 -20.84
N VAL B 15 -17.71 19.07 -20.28
CA VAL B 15 -18.34 18.29 -19.21
C VAL B 15 -19.76 17.89 -19.57
N GLY B 21 -25.25 11.04 -13.39
CA GLY B 21 -23.87 11.53 -13.37
C GLY B 21 -23.58 12.63 -14.38
N VAL B 22 -22.35 12.62 -14.94
CA VAL B 22 -21.84 13.57 -15.95
C VAL B 22 -20.52 13.06 -16.56
N LEU B 23 -20.41 13.10 -17.90
CA LEU B 23 -19.23 12.67 -18.65
C LEU B 23 -18.29 13.86 -18.88
N LEU B 24 -17.00 13.70 -18.56
CA LEU B 24 -16.01 14.77 -18.69
C LEU B 24 -14.86 14.45 -19.66
N ARG B 25 -14.36 15.49 -20.36
CA ARG B 25 -13.25 15.43 -21.30
C ARG B 25 -12.04 16.11 -20.67
N ILE B 26 -10.88 15.42 -20.66
CA ILE B 26 -9.66 15.90 -20.03
C ILE B 26 -8.46 15.78 -20.98
N GLU B 27 -7.77 16.92 -21.21
CA GLU B 27 -6.55 17.00 -22.03
C GLU B 27 -5.38 16.50 -21.18
N THR B 28 -4.43 15.76 -21.79
CA THR B 28 -3.31 15.20 -21.02
C THR B 28 -1.99 15.07 -21.80
N ALA B 29 -0.87 15.08 -21.08
CA ALA B 29 0.47 14.86 -21.63
C ALA B 29 0.73 13.36 -21.81
N TYR B 30 -0.15 12.50 -21.22
CA TYR B 30 -0.10 11.04 -21.30
C TYR B 30 -0.29 10.59 -22.76
N ASP B 31 0.51 9.60 -23.19
CA ASP B 31 0.43 9.02 -24.53
C ASP B 31 -0.87 8.19 -24.60
N PRO B 32 -1.85 8.55 -25.48
CA PRO B 32 -3.10 7.76 -25.54
C PRO B 32 -2.91 6.31 -25.96
N GLU B 33 -1.81 6.00 -26.69
CA GLU B 33 -1.44 4.65 -27.12
C GLU B 33 -1.09 3.74 -25.92
N THR B 34 -0.66 4.33 -24.78
CA THR B 34 -0.33 3.61 -23.54
C THR B 34 -1.59 3.44 -22.65
N ILE B 35 -2.73 3.98 -23.11
CA ILE B 35 -4.02 3.95 -22.42
C ILE B 35 -5.01 3.03 -23.16
N GLU B 36 -5.72 2.17 -22.40
CA GLU B 36 -6.75 1.26 -22.89
C GLU B 36 -8.11 1.68 -22.27
N LEU B 37 -9.22 1.16 -22.81
CA LEU B 37 -10.57 1.46 -22.32
C LEU B 37 -10.86 0.66 -21.04
N GLY B 38 -11.79 1.16 -20.22
CA GLY B 38 -12.16 0.55 -18.95
C GLY B 38 -11.21 0.86 -17.81
N ALA B 39 -9.98 1.32 -18.17
CA ALA B 39 -8.85 1.66 -17.30
C ALA B 39 -9.16 2.78 -16.32
N SER B 40 -8.44 2.78 -15.18
CA SER B 40 -8.63 3.77 -14.13
C SER B 40 -7.52 4.82 -14.08
N ILE B 41 -7.93 6.08 -13.88
CA ILE B 41 -7.04 7.26 -13.74
C ILE B 41 -7.56 8.14 -12.58
N ALA B 42 -6.65 8.57 -11.69
CA ALA B 42 -7.02 9.44 -10.57
C ALA B 42 -7.06 10.89 -11.03
N CYS B 43 -8.27 11.48 -11.03
CA CYS B 43 -8.51 12.87 -11.42
C CYS B 43 -8.80 13.66 -10.16
N SER B 44 -7.76 14.39 -9.70
CA SER B 44 -7.72 15.10 -8.42
C SER B 44 -8.21 14.19 -7.26
N GLY B 45 -7.68 12.97 -7.24
CA GLY B 45 -7.97 11.98 -6.20
C GLY B 45 -9.17 11.08 -6.40
N VAL B 46 -10.04 11.40 -7.37
CA VAL B 46 -11.24 10.58 -7.64
C VAL B 46 -10.87 9.53 -8.71
N CYS B 47 -11.03 8.24 -8.38
CA CYS B 47 -10.74 7.14 -9.31
C CYS B 47 -11.88 7.11 -10.33
N LEU B 48 -11.52 7.29 -11.61
CA LEU B 48 -12.50 7.31 -12.69
C LEU B 48 -12.19 6.28 -13.77
N THR B 49 -13.26 5.67 -14.30
CA THR B 49 -13.25 4.67 -15.37
C THR B 49 -13.21 5.42 -16.73
N VAL B 50 -12.41 4.92 -17.68
CA VAL B 50 -12.29 5.48 -19.03
C VAL B 50 -13.31 4.79 -19.95
N GLU B 69 -23.19 10.25 -9.73
CA GLU B 69 -24.13 10.76 -8.74
C GLU B 69 -23.51 10.77 -7.35
N GLU B 70 -23.00 9.61 -6.89
CA GLU B 70 -22.35 9.43 -5.59
C GLU B 70 -21.03 10.20 -5.54
N ALA B 71 -20.32 10.26 -6.69
CA ALA B 71 -19.05 10.99 -6.83
C ALA B 71 -19.30 12.50 -6.76
N LEU B 72 -20.17 13.04 -7.66
CA LEU B 72 -20.53 14.47 -7.74
C LEU B 72 -20.96 15.08 -6.39
N ARG B 73 -21.57 14.26 -5.51
CA ARG B 73 -22.03 14.66 -4.18
C ARG B 73 -20.84 14.81 -3.21
N LEU B 74 -20.05 13.72 -3.02
CA LEU B 74 -18.92 13.68 -2.09
C LEU B 74 -17.68 14.46 -2.54
N THR B 75 -17.42 14.49 -3.86
CA THR B 75 -16.24 15.12 -4.43
C THR B 75 -16.43 16.59 -4.88
N THR B 76 -15.34 17.22 -5.35
CA THR B 76 -15.31 18.60 -5.86
C THR B 76 -15.78 18.66 -7.34
N ILE B 77 -16.13 17.49 -7.94
CA ILE B 77 -16.56 17.33 -9.32
C ILE B 77 -17.77 18.17 -9.71
N SER B 78 -18.71 18.40 -8.76
CA SER B 78 -19.91 19.20 -8.97
C SER B 78 -19.61 20.64 -9.40
N SER B 79 -18.51 21.23 -8.85
CA SER B 79 -18.07 22.59 -9.18
C SER B 79 -17.08 22.61 -10.35
N ILE B 86 -6.95 19.87 -13.05
CA ILE B 86 -6.98 18.69 -12.17
C ILE B 86 -5.67 17.90 -12.14
N ASN B 87 -5.34 17.32 -10.97
CA ASN B 87 -4.16 16.46 -10.79
C ASN B 87 -4.43 15.10 -11.43
N LEU B 88 -3.42 14.50 -12.06
CA LEU B 88 -3.58 13.22 -12.73
C LEU B 88 -2.52 12.22 -12.32
N GLU B 89 -2.96 10.96 -12.17
CA GLU B 89 -2.12 9.84 -11.84
C GLU B 89 -2.70 8.59 -12.51
N ARG B 90 -1.81 7.81 -13.15
CA ARG B 90 -2.14 6.54 -13.80
C ARG B 90 -2.14 5.51 -12.69
N SER B 91 -2.89 4.42 -12.88
CA SER B 91 -2.97 3.36 -11.90
C SER B 91 -1.68 2.63 -11.85
N LEU B 92 -1.34 2.18 -10.65
CA LEU B 92 -0.13 1.43 -10.47
C LEU B 92 -0.24 0.13 -11.26
N LYS B 93 0.84 -0.24 -11.88
CA LYS B 93 0.94 -1.46 -12.64
C LYS B 93 1.89 -2.32 -11.85
N LEU B 94 1.92 -3.63 -12.12
CA LEU B 94 2.88 -4.49 -11.42
C LEU B 94 4.30 -4.00 -11.71
N GLY B 95 5.09 -3.85 -10.64
CA GLY B 95 6.47 -3.41 -10.75
C GLY B 95 6.71 -1.93 -10.54
N ASP B 96 5.65 -1.11 -10.56
CA ASP B 96 5.77 0.33 -10.32
C ASP B 96 6.12 0.63 -8.86
N GLU B 97 6.99 1.63 -8.61
CA GLU B 97 7.35 1.95 -7.23
C GLU B 97 6.23 2.72 -6.60
N MET B 98 6.00 2.45 -5.32
CA MET B 98 4.92 3.12 -4.60
C MET B 98 5.59 4.17 -3.73
N GLY B 99 5.97 5.28 -4.37
CA GLY B 99 6.71 6.38 -3.74
C GLY B 99 6.01 7.22 -2.68
N GLY B 100 4.67 7.19 -2.64
CA GLY B 100 3.85 7.92 -1.67
C GLY B 100 3.35 6.96 -0.61
N HIS B 101 2.00 6.81 -0.47
CA HIS B 101 1.35 5.81 0.38
C HIS B 101 0.30 5.02 -0.48
N LEU B 102 -0.47 4.08 0.12
CA LEU B 102 -1.47 3.32 -0.63
C LEU B 102 -2.76 4.12 -0.76
N VAL B 103 -2.95 4.72 -1.96
CA VAL B 103 -4.09 5.55 -2.31
C VAL B 103 -4.98 4.73 -3.23
N PHE B 104 -6.27 4.67 -2.90
CA PHE B 104 -7.22 3.88 -3.64
C PHE B 104 -8.04 4.72 -4.61
N GLY B 105 -8.07 6.03 -4.39
CA GLY B 105 -8.83 6.96 -5.23
C GLY B 105 -10.31 7.01 -4.88
N HIS B 106 -10.67 6.47 -3.71
CA HIS B 106 -12.05 6.49 -3.23
C HIS B 106 -12.14 7.62 -2.21
N VAL B 107 -12.56 8.80 -2.68
CA VAL B 107 -12.70 10.01 -1.90
C VAL B 107 -13.76 9.83 -0.79
N ASP B 108 -13.47 10.38 0.41
CA ASP B 108 -14.30 10.31 1.61
C ASP B 108 -15.19 11.52 1.78
N GLY B 109 -14.76 12.64 1.22
CA GLY B 109 -15.45 13.92 1.28
C GLY B 109 -14.54 15.05 0.84
N GLN B 110 -14.83 16.25 1.32
CA GLN B 110 -14.05 17.44 1.00
C GLN B 110 -13.51 18.14 2.23
N ALA B 111 -12.29 18.67 2.12
CA ALA B 111 -11.66 19.48 3.16
C ALA B 111 -11.55 20.90 2.58
N GLU B 112 -11.54 21.93 3.44
CA GLU B 112 -11.45 23.32 3.01
C GLU B 112 -10.10 23.94 3.40
N ILE B 113 -9.45 24.68 2.47
CA ILE B 113 -8.20 25.39 2.82
C ILE B 113 -8.65 26.66 3.55
N VAL B 114 -8.05 26.94 4.73
CA VAL B 114 -8.46 28.09 5.56
C VAL B 114 -7.44 29.23 5.55
N GLU B 115 -6.15 28.87 5.37
CA GLU B 115 -5.03 29.79 5.31
C GLU B 115 -3.88 29.13 4.54
N ARG B 116 -3.15 29.95 3.79
CA ARG B 116 -2.00 29.56 2.98
C ARG B 116 -0.82 30.42 3.45
N LYS B 117 0.18 29.78 4.07
CA LYS B 117 1.34 30.47 4.62
C LYS B 117 2.62 30.07 3.90
N ASP B 118 3.10 30.97 3.02
CA ASP B 118 4.31 30.81 2.23
C ASP B 118 5.56 30.80 3.13
N ALA B 122 8.84 26.03 0.07
CA ALA B 122 7.66 25.29 0.52
C ALA B 122 6.56 26.21 1.08
N VAL B 123 5.29 25.79 0.92
CA VAL B 123 4.11 26.54 1.35
C VAL B 123 3.25 25.67 2.29
N ARG B 124 2.85 26.24 3.44
CA ARG B 124 2.00 25.56 4.42
C ARG B 124 0.53 25.87 4.16
N PHE B 125 -0.29 24.82 4.08
CA PHE B 125 -1.74 24.94 3.89
C PHE B 125 -2.45 24.37 5.12
N THR B 126 -3.33 25.18 5.73
CA THR B 126 -4.16 24.73 6.84
C THR B 126 -5.49 24.32 6.26
N LEU B 127 -5.92 23.10 6.59
CA LEU B 127 -7.18 22.56 6.10
C LEU B 127 -8.13 22.24 7.23
N ARG B 128 -9.41 22.20 6.94
CA ARG B 128 -10.47 21.84 7.87
C ARG B 128 -11.18 20.64 7.28
N ALA B 129 -11.07 19.48 7.94
CA ALA B 129 -11.69 18.25 7.49
C ALA B 129 -13.07 18.04 8.15
N PRO B 130 -14.00 17.23 7.54
CA PRO B 130 -15.28 16.95 8.22
C PRO B 130 -15.00 16.20 9.51
N GLU B 131 -15.82 16.47 10.56
CA GLU B 131 -15.69 15.86 11.89
C GLU B 131 -15.49 14.33 11.86
N GLU B 132 -16.21 13.63 10.97
CA GLU B 132 -16.18 12.18 10.76
C GLU B 132 -14.78 11.66 10.31
N LEU B 133 -13.97 12.52 9.66
CA LEU B 133 -12.65 12.20 9.11
C LEU B 133 -11.45 12.62 9.99
N ALA B 134 -11.66 13.58 10.95
CA ALA B 134 -10.61 14.04 11.89
C ALA B 134 -9.90 12.93 12.75
N PRO B 135 -10.60 11.87 13.29
CA PRO B 135 -9.87 10.84 14.05
C PRO B 135 -8.89 10.01 13.20
N PHE B 136 -9.10 10.00 11.87
CA PHE B 136 -8.27 9.24 10.94
C PHE B 136 -7.10 10.10 10.45
N ILE B 137 -7.04 11.38 10.92
CA ILE B 137 -5.94 12.29 10.55
C ILE B 137 -5.02 12.42 11.76
N ALA B 138 -3.77 11.94 11.62
CA ALA B 138 -2.79 11.95 12.69
C ALA B 138 -1.56 12.70 12.26
N GLN B 139 -0.89 13.34 13.25
CA GLN B 139 0.36 14.07 13.08
C GLN B 139 1.41 13.08 12.58
N LYS B 140 2.17 13.46 11.53
CA LYS B 140 3.19 12.65 10.81
C LYS B 140 2.58 11.40 10.09
N GLY B 141 1.25 11.34 10.07
CA GLY B 141 0.51 10.31 9.34
C GLY B 141 0.35 10.70 7.88
N SER B 142 -0.31 9.84 7.08
CA SER B 142 -0.55 10.07 5.65
C SER B 142 -1.94 10.58 5.36
N VAL B 143 -2.06 11.35 4.29
CA VAL B 143 -3.33 11.84 3.79
C VAL B 143 -3.19 12.02 2.28
N ALA B 144 -4.31 11.88 1.56
CA ALA B 144 -4.38 12.10 0.12
C ALA B 144 -5.37 13.27 -0.12
N LEU B 145 -4.83 14.42 -0.57
CA LEU B 145 -5.62 15.63 -0.85
C LEU B 145 -5.49 15.98 -2.32
N ASP B 146 -6.63 15.96 -3.07
CA ASP B 146 -6.66 16.18 -4.53
C ASP B 146 -5.71 15.16 -5.20
N GLY B 147 -5.67 13.94 -4.62
CA GLY B 147 -4.84 12.83 -5.07
C GLY B 147 -3.36 12.93 -4.75
N THR B 148 -2.96 13.98 -4.04
CA THR B 148 -1.55 14.13 -3.68
C THR B 148 -1.31 13.44 -2.34
N SER B 149 -0.27 12.59 -2.29
CA SER B 149 0.12 11.94 -1.06
C SER B 149 0.91 12.99 -0.28
N LEU B 150 0.43 13.31 0.91
CA LEU B 150 1.10 14.31 1.76
C LEU B 150 1.29 13.80 3.19
N THR B 151 2.34 14.27 3.88
CA THR B 151 2.54 13.91 5.29
C THR B 151 1.83 15.00 6.12
N VAL B 152 1.08 14.60 7.14
CA VAL B 152 0.37 15.55 8.01
C VAL B 152 1.41 16.19 8.96
N ASN B 153 1.50 17.54 8.95
CA ASN B 153 2.50 18.27 9.75
C ASN B 153 2.09 18.41 11.22
N GLY B 154 0.95 19.05 11.45
CA GLY B 154 0.37 19.27 12.77
C GLY B 154 -1.12 19.01 12.72
N VAL B 155 -1.74 18.76 13.88
CA VAL B 155 -3.17 18.49 14.00
C VAL B 155 -3.77 19.14 15.26
N ASN B 156 -4.88 19.90 15.08
CA ASN B 156 -5.60 20.59 16.14
C ASN B 156 -7.07 20.36 15.87
N ALA B 157 -7.64 19.31 16.54
CA ALA B 157 -9.02 18.84 16.37
C ALA B 157 -9.30 18.47 14.88
N ASN B 158 -10.18 19.21 14.16
CA ASN B 158 -10.47 18.93 12.76
C ASN B 158 -9.58 19.72 11.79
N GLU B 159 -8.62 20.48 12.33
CA GLU B 159 -7.71 21.30 11.53
C GLU B 159 -6.32 20.69 11.40
N PHE B 160 -5.82 20.59 10.16
CA PHE B 160 -4.50 20.01 9.96
C PHE B 160 -3.70 20.82 8.96
N ASP B 161 -2.36 20.70 9.03
CA ASP B 161 -1.42 21.39 8.15
C ASP B 161 -0.63 20.41 7.28
N VAL B 162 -0.33 20.83 6.04
CA VAL B 162 0.52 20.09 5.11
C VAL B 162 1.58 21.06 4.55
N LEU B 163 2.82 20.57 4.36
CA LEU B 163 3.90 21.39 3.80
C LEU B 163 4.09 20.97 2.35
N LEU B 164 3.78 21.87 1.42
CA LEU B 164 3.92 21.61 0.00
C LEU B 164 5.13 22.29 -0.55
N ILE B 165 6.14 21.48 -0.93
CA ILE B 165 7.42 21.91 -1.50
C ILE B 165 7.24 22.66 -2.85
N ARG B 166 8.22 23.53 -3.18
CA ARG B 166 8.25 24.35 -4.41
C ARG B 166 7.92 23.54 -5.68
N HIS B 167 8.60 22.38 -5.88
CA HIS B 167 8.41 21.45 -7.01
C HIS B 167 6.95 20.99 -7.16
N SER B 168 6.34 20.58 -6.03
CA SER B 168 4.96 20.08 -5.98
C SER B 168 3.90 21.14 -6.33
N LEU B 169 4.12 22.41 -5.97
CA LEU B 169 3.19 23.50 -6.27
C LEU B 169 3.13 23.83 -7.79
N GLU B 170 4.22 23.54 -8.52
CA GLU B 170 4.29 23.77 -9.97
C GLU B 170 3.77 22.56 -10.77
N VAL B 171 4.10 21.31 -10.36
CA VAL B 171 3.68 20.06 -11.04
C VAL B 171 2.26 19.56 -10.70
N THR B 172 1.54 20.28 -9.81
CA THR B 172 0.18 19.97 -9.37
C THR B 172 -0.70 21.23 -9.39
N THR B 173 -2.00 21.09 -9.06
CA THR B 173 -2.96 22.19 -8.97
C THR B 173 -2.85 22.97 -7.65
N TRP B 174 -1.87 22.59 -6.79
CA TRP B 174 -1.61 23.20 -5.48
C TRP B 174 -1.14 24.67 -5.55
N GLY B 175 -0.59 25.08 -6.70
CA GLY B 175 -0.13 26.44 -6.94
C GLY B 175 -1.25 27.47 -6.94
N GLU B 176 -2.36 27.16 -7.65
CA GLU B 176 -3.55 28.02 -7.74
C GLU B 176 -4.53 27.92 -6.55
N ARG B 177 -4.22 27.08 -5.55
CA ARG B 177 -5.03 26.92 -4.34
C ARG B 177 -4.88 28.10 -3.37
N LYS B 178 -5.97 28.49 -2.70
CA LYS B 178 -6.03 29.60 -1.74
C LYS B 178 -7.14 29.35 -0.71
N ALA B 179 -7.22 30.18 0.35
CA ALA B 179 -8.24 30.08 1.40
C ALA B 179 -9.66 30.11 0.80
N GLY B 180 -10.53 29.25 1.32
CA GLY B 180 -11.88 29.08 0.84
C GLY B 180 -12.04 27.88 -0.08
N ASP B 181 -10.98 27.57 -0.89
CA ASP B 181 -10.96 26.45 -1.85
C ASP B 181 -11.18 25.11 -1.18
N LYS B 182 -11.93 24.24 -1.88
CA LYS B 182 -12.24 22.90 -1.40
C LYS B 182 -11.41 21.85 -2.13
N VAL B 183 -10.83 20.91 -1.37
CA VAL B 183 -10.02 19.83 -1.94
C VAL B 183 -10.65 18.48 -1.66
N ASN B 184 -10.36 17.49 -2.51
CA ASN B 184 -10.83 16.13 -2.29
C ASN B 184 -9.97 15.51 -1.20
N ILE B 185 -10.60 14.89 -0.19
CA ILE B 185 -9.87 14.23 0.88
C ILE B 185 -10.06 12.71 0.91
N GLU B 186 -8.94 11.99 0.95
CA GLU B 186 -8.95 10.56 1.14
C GLU B 186 -8.05 10.27 2.33
N ILE B 187 -8.66 9.83 3.43
CA ILE B 187 -7.88 9.49 4.64
C ILE B 187 -7.20 8.16 4.39
N ASP B 188 -6.14 7.88 5.15
CA ASP B 188 -5.37 6.65 5.05
C ASP B 188 -6.17 5.41 5.42
N GLN B 189 -6.22 4.42 4.49
CA GLN B 189 -6.95 3.15 4.73
C GLN B 189 -6.36 2.40 5.92
N LEU B 190 -5.06 2.61 6.20
CA LEU B 190 -4.40 2.01 7.36
C LEU B 190 -5.05 2.47 8.66
N ALA B 191 -5.57 3.72 8.69
CA ALA B 191 -6.26 4.27 9.86
C ALA B 191 -7.58 3.56 10.11
N ARG B 192 -8.24 3.03 9.05
CA ARG B 192 -9.48 2.23 9.21
C ARG B 192 -9.19 0.88 9.80
N TYR B 193 -8.05 0.30 9.43
CA TYR B 193 -7.60 -0.97 9.97
C TYR B 193 -7.20 -0.77 11.46
N ALA B 194 -6.64 0.40 11.81
CA ALA B 194 -6.30 0.72 13.21
C ALA B 194 -7.60 0.84 14.03
N ALA B 195 -8.62 1.54 13.48
CA ALA B 195 -9.93 1.71 14.12
C ALA B 195 -10.66 0.39 14.29
N ARG B 196 -10.67 -0.48 13.26
CA ARG B 196 -11.33 -1.79 13.35
C ARG B 196 -10.69 -2.66 14.44
N LEU B 197 -9.36 -2.63 14.55
CA LEU B 197 -8.59 -3.36 15.55
C LEU B 197 -9.00 -2.90 16.97
N ALA B 198 -9.21 -1.59 17.15
CA ALA B 198 -9.60 -0.99 18.44
C ALA B 198 -11.11 -1.14 18.71
N GLN B 199 -11.95 -1.15 17.64
CA GLN B 199 -13.40 -1.32 17.78
C GLN B 199 -13.79 -2.76 18.14
N TYR B 200 -13.09 -3.75 17.56
CA TYR B 200 -13.26 -5.18 17.83
C TYR B 200 -12.74 -5.48 19.26
N GLN B 201 -11.56 -4.95 19.62
CA GLN B 201 -10.96 -5.17 20.94
C GLN B 201 -11.55 -4.24 21.99
N MET C 1 1.69 -12.49 -8.98
CA MET C 1 0.49 -12.10 -8.26
C MET C 1 -0.74 -11.86 -9.13
N PHE C 2 -1.86 -11.45 -8.51
CA PHE C 2 -3.15 -11.30 -9.20
C PHE C 2 -3.83 -10.01 -8.76
N THR C 3 -4.96 -9.65 -9.41
CA THR C 3 -5.70 -8.46 -8.99
C THR C 3 -7.12 -8.72 -8.45
N GLY C 4 -7.66 -9.89 -8.73
CA GLY C 4 -9.02 -10.18 -8.30
C GLY C 4 -10.06 -9.76 -9.31
N ILE C 5 -9.63 -9.58 -10.57
CA ILE C 5 -10.51 -9.32 -11.69
C ILE C 5 -10.55 -10.63 -12.44
N ILE C 6 -11.69 -11.30 -12.35
CA ILE C 6 -11.90 -12.61 -12.96
C ILE C 6 -12.04 -12.48 -14.47
N THR C 7 -11.32 -13.31 -15.24
CA THR C 7 -11.30 -13.23 -16.72
C THR C 7 -11.94 -14.39 -17.42
N ASP C 8 -12.26 -15.45 -16.66
CA ASP C 8 -12.94 -16.62 -17.20
C ASP C 8 -13.64 -17.34 -16.08
N ILE C 9 -14.65 -18.10 -16.44
CA ILE C 9 -15.29 -19.04 -15.52
C ILE C 9 -14.88 -20.40 -16.04
N GLY C 10 -13.99 -21.06 -15.31
CA GLY C 10 -13.58 -22.41 -15.70
C GLY C 10 -14.52 -23.47 -15.21
N LYS C 11 -14.34 -24.70 -15.72
CA LYS C 11 -15.18 -25.81 -15.31
C LYS C 11 -14.30 -26.99 -14.92
N VAL C 12 -14.49 -27.53 -13.72
CA VAL C 12 -13.75 -28.69 -13.26
C VAL C 12 -14.29 -29.89 -14.08
N ASP C 13 -13.41 -30.44 -14.95
CA ASP C 13 -13.65 -31.56 -15.86
C ASP C 13 -13.26 -32.92 -15.27
N ARG C 14 -12.14 -32.99 -14.53
CA ARG C 14 -11.61 -34.22 -13.94
C ARG C 14 -11.02 -33.94 -12.58
N VAL C 15 -11.25 -34.85 -11.62
CA VAL C 15 -10.77 -34.77 -10.24
C VAL C 15 -10.09 -36.11 -10.00
N LYS C 16 -8.75 -36.09 -9.83
CA LYS C 16 -8.01 -37.31 -9.57
C LYS C 16 -7.25 -37.21 -8.23
N PRO C 17 -7.60 -38.07 -7.25
CA PRO C 17 -6.92 -38.04 -5.95
C PRO C 17 -5.44 -38.44 -6.02
N LEU C 18 -4.61 -37.78 -5.20
CA LEU C 18 -3.18 -37.99 -5.07
C LEU C 18 -2.91 -38.24 -3.58
N ASN C 19 -1.65 -38.60 -3.22
CA ASN C 19 -1.33 -38.78 -1.81
C ASN C 19 -1.32 -37.39 -1.19
N GLU C 20 -2.34 -37.11 -0.33
CA GLU C 20 -2.57 -35.83 0.37
C GLU C 20 -2.67 -34.65 -0.65
N GLY C 21 -3.27 -34.91 -1.80
CA GLY C 21 -3.42 -33.93 -2.88
C GLY C 21 -4.46 -34.34 -3.89
N VAL C 22 -4.63 -33.51 -4.94
CA VAL C 22 -5.59 -33.74 -6.02
C VAL C 22 -5.08 -33.16 -7.31
N LEU C 23 -5.37 -33.82 -8.43
CA LEU C 23 -5.09 -33.32 -9.76
C LEU C 23 -6.46 -32.92 -10.39
N LEU C 24 -6.55 -31.68 -10.88
CA LEU C 24 -7.76 -31.13 -11.48
C LEU C 24 -7.51 -30.77 -12.90
N ARG C 25 -8.42 -31.17 -13.82
CA ARG C 25 -8.37 -30.72 -15.22
C ARG C 25 -9.46 -29.67 -15.32
N ILE C 26 -9.09 -28.46 -15.72
CA ILE C 26 -9.99 -27.31 -15.81
C ILE C 26 -10.23 -26.90 -17.26
N GLU C 27 -11.51 -26.95 -17.67
CA GLU C 27 -11.97 -26.51 -18.98
C GLU C 27 -12.01 -24.98 -18.95
N THR C 28 -11.38 -24.34 -19.93
CA THR C 28 -11.23 -22.89 -19.95
C THR C 28 -11.48 -22.32 -21.34
N ALA C 29 -11.63 -21.00 -21.41
CA ALA C 29 -11.75 -20.23 -22.64
C ALA C 29 -10.36 -19.69 -22.97
N TYR C 30 -9.39 -19.82 -22.02
CA TYR C 30 -8.02 -19.35 -22.28
C TYR C 30 -7.39 -20.22 -23.36
N ASP C 31 -6.50 -19.62 -24.17
CA ASP C 31 -5.75 -20.33 -25.20
C ASP C 31 -4.56 -21.00 -24.49
N PRO C 32 -4.51 -22.36 -24.43
CA PRO C 32 -3.38 -23.03 -23.75
C PRO C 32 -1.98 -22.72 -24.29
N GLU C 33 -1.88 -22.13 -25.51
CA GLU C 33 -0.61 -21.76 -26.16
C GLU C 33 0.05 -20.60 -25.43
N THR C 34 -0.79 -19.75 -24.84
CA THR C 34 -0.38 -18.58 -24.08
C THR C 34 -0.09 -18.94 -22.61
N ILE C 35 -0.38 -20.21 -22.20
CA ILE C 35 -0.13 -20.68 -20.82
C ILE C 35 1.18 -21.47 -20.78
N GLU C 36 2.05 -21.09 -19.86
CA GLU C 36 3.34 -21.75 -19.63
C GLU C 36 3.19 -22.86 -18.60
N LEU C 37 3.96 -23.97 -18.74
CA LEU C 37 3.99 -24.99 -17.70
C LEU C 37 4.61 -24.32 -16.51
N GLY C 38 4.04 -24.54 -15.34
CA GLY C 38 4.58 -23.89 -14.15
C GLY C 38 3.97 -22.53 -13.89
N ALA C 39 3.11 -22.02 -14.80
CA ALA C 39 2.48 -20.72 -14.58
C ALA C 39 1.50 -20.86 -13.40
N SER C 40 1.21 -19.74 -12.74
CA SER C 40 0.31 -19.65 -11.61
C SER C 40 -1.05 -19.12 -12.10
N ILE C 41 -2.11 -19.87 -11.83
CA ILE C 41 -3.47 -19.43 -12.20
C ILE C 41 -4.27 -19.47 -10.91
N ALA C 42 -5.01 -18.40 -10.60
CA ALA C 42 -5.85 -18.34 -9.39
C ALA C 42 -7.18 -19.03 -9.77
N CYS C 43 -7.52 -20.08 -9.05
CA CYS C 43 -8.70 -20.91 -9.26
C CYS C 43 -9.59 -20.65 -8.09
N SER C 44 -10.67 -19.85 -8.29
CA SER C 44 -11.54 -19.35 -7.21
C SER C 44 -10.71 -18.77 -6.06
N GLY C 45 -9.63 -18.07 -6.43
CA GLY C 45 -8.80 -17.37 -5.45
C GLY C 45 -7.60 -18.12 -4.92
N VAL C 46 -7.46 -19.38 -5.37
CA VAL C 46 -6.40 -20.24 -4.89
C VAL C 46 -5.31 -20.25 -5.94
N CYS C 47 -4.11 -19.75 -5.57
CA CYS C 47 -2.98 -19.80 -6.51
C CYS C 47 -2.57 -21.26 -6.71
N LEU C 48 -2.67 -21.79 -7.94
CA LEU C 48 -2.27 -23.16 -8.26
C LEU C 48 -1.34 -23.19 -9.48
N THR C 49 -0.46 -24.19 -9.50
CA THR C 49 0.54 -24.32 -10.56
C THR C 49 0.03 -25.18 -11.69
N VAL C 50 0.17 -24.69 -12.94
CA VAL C 50 -0.21 -25.45 -14.13
C VAL C 50 0.79 -26.59 -14.30
N VAL C 51 0.28 -27.82 -14.37
CA VAL C 51 1.11 -29.02 -14.48
C VAL C 51 0.98 -29.77 -15.81
N ALA C 52 -0.05 -29.44 -16.62
CA ALA C 52 -0.25 -30.08 -17.92
C ALA C 52 -1.17 -29.26 -18.84
N LEU C 53 -0.90 -29.32 -20.14
CA LEU C 53 -1.64 -28.61 -21.19
C LEU C 53 -1.93 -29.57 -22.34
N PRO C 54 -2.92 -29.30 -23.23
CA PRO C 54 -3.14 -30.21 -24.37
C PRO C 54 -1.90 -30.35 -25.28
N GLU C 55 -1.73 -31.51 -25.91
CA GLU C 55 -0.59 -31.76 -26.81
C GLU C 55 -0.67 -30.88 -28.09
N LYS C 56 0.44 -30.80 -28.86
CA LYS C 56 0.46 -30.05 -30.12
C LYS C 56 -0.58 -30.62 -31.09
N GLY C 57 -1.32 -29.75 -31.76
CA GLY C 57 -2.35 -30.17 -32.71
C GLY C 57 -3.74 -30.29 -32.14
N SER C 58 -3.87 -30.50 -30.80
CA SER C 58 -5.17 -30.60 -30.13
C SER C 58 -5.89 -29.26 -30.13
N ASN C 59 -7.23 -29.29 -30.32
CA ASN C 59 -8.09 -28.10 -30.31
C ASN C 59 -8.73 -27.86 -28.92
N ALA C 60 -8.62 -28.84 -28.00
CA ALA C 60 -9.13 -28.81 -26.62
C ALA C 60 -8.56 -27.62 -25.86
N ARG C 61 -9.40 -26.99 -24.99
CA ARG C 61 -8.97 -25.87 -24.17
C ARG C 61 -9.14 -26.22 -22.70
N TRP C 62 -8.03 -26.66 -22.11
CA TRP C 62 -7.93 -27.03 -20.69
C TRP C 62 -6.51 -26.86 -20.19
N PHE C 63 -6.36 -26.98 -18.85
CA PHE C 63 -5.10 -26.99 -18.14
C PHE C 63 -5.29 -27.82 -16.90
N GLU C 64 -4.22 -28.46 -16.45
CA GLU C 64 -4.25 -29.21 -15.22
C GLU C 64 -3.46 -28.51 -14.14
N VAL C 65 -3.94 -28.61 -12.90
CA VAL C 65 -3.29 -28.06 -11.72
C VAL C 65 -3.32 -29.11 -10.64
N GLU C 66 -2.43 -28.98 -9.66
CA GLU C 66 -2.45 -29.86 -8.49
C GLU C 66 -2.67 -29.03 -7.25
N ALA C 67 -3.41 -29.57 -6.29
CA ALA C 67 -3.65 -28.89 -5.03
C ALA C 67 -3.27 -29.86 -3.95
N TRP C 68 -2.43 -29.43 -3.04
CA TRP C 68 -1.91 -30.28 -1.99
C TRP C 68 -2.65 -30.16 -0.66
N GLU C 69 -2.14 -30.88 0.35
CA GLU C 69 -2.68 -31.00 1.70
C GLU C 69 -3.20 -29.71 2.35
N GLU C 70 -2.37 -28.66 2.42
CA GLU C 70 -2.73 -27.37 3.03
C GLU C 70 -3.89 -26.71 2.26
N ALA C 71 -3.78 -26.62 0.92
CA ALA C 71 -4.85 -26.04 0.10
C ALA C 71 -6.16 -26.82 0.24
N LEU C 72 -6.12 -28.18 0.23
CA LEU C 72 -7.35 -28.98 0.37
C LEU C 72 -8.02 -28.72 1.70
N ARG C 73 -7.22 -28.54 2.76
CA ARG C 73 -7.69 -28.29 4.12
C ARG C 73 -8.30 -26.88 4.25
N LEU C 74 -7.52 -25.83 3.94
CA LEU C 74 -7.96 -24.45 4.14
C LEU C 74 -9.04 -23.94 3.20
N THR C 75 -9.03 -24.41 1.95
CA THR C 75 -9.90 -23.91 0.90
C THR C 75 -11.13 -24.77 0.60
N THR C 76 -11.98 -24.31 -0.34
CA THR C 76 -13.15 -25.06 -0.79
C THR C 76 -12.75 -26.19 -1.73
N ILE C 77 -11.47 -26.26 -2.21
CA ILE C 77 -11.10 -27.29 -3.20
C ILE C 77 -11.48 -28.73 -2.80
N SER C 78 -11.44 -29.08 -1.51
CA SER C 78 -11.83 -30.44 -1.04
C SER C 78 -13.24 -30.83 -1.50
N SER C 79 -14.11 -29.83 -1.71
CA SER C 79 -15.50 -30.05 -2.12
C SER C 79 -15.71 -30.08 -3.62
N TRP C 80 -14.71 -29.64 -4.41
CA TRP C 80 -14.86 -29.57 -5.86
C TRP C 80 -14.97 -30.91 -6.51
N GLN C 81 -15.99 -31.08 -7.31
CA GLN C 81 -16.21 -32.32 -8.07
C GLN C 81 -16.41 -31.91 -9.51
N SER C 82 -16.38 -32.88 -10.45
CA SER C 82 -16.60 -32.64 -11.88
C SER C 82 -17.90 -31.87 -12.13
N GLY C 83 -17.82 -30.85 -12.98
CA GLY C 83 -18.91 -29.95 -13.32
C GLY C 83 -18.86 -28.61 -12.58
N ARG C 84 -18.08 -28.53 -11.47
CA ARG C 84 -17.95 -27.31 -10.66
C ARG C 84 -17.40 -26.14 -11.48
N LYS C 85 -18.09 -25.01 -11.44
CA LYS C 85 -17.68 -23.79 -12.14
C LYS C 85 -16.83 -22.99 -11.16
N ILE C 86 -15.69 -22.44 -11.62
CA ILE C 86 -14.79 -21.74 -10.72
C ILE C 86 -14.31 -20.44 -11.37
N ASN C 87 -13.94 -19.44 -10.57
CA ASN C 87 -13.42 -18.19 -11.15
C ASN C 87 -11.96 -18.40 -11.56
N LEU C 88 -11.54 -17.82 -12.69
CA LEU C 88 -10.15 -17.91 -13.13
C LEU C 88 -9.58 -16.58 -13.36
N GLU C 89 -8.28 -16.48 -13.02
CA GLU C 89 -7.49 -15.28 -13.25
C GLU C 89 -6.05 -15.68 -13.54
N ARG C 90 -5.50 -15.17 -14.64
CA ARG C 90 -4.08 -15.46 -14.99
C ARG C 90 -3.21 -14.54 -14.15
N SER C 91 -1.91 -14.91 -13.94
CA SER C 91 -0.95 -14.11 -13.18
C SER C 91 -0.65 -12.83 -13.96
N LEU C 92 -0.41 -11.75 -13.25
CA LEU C 92 -0.04 -10.45 -13.81
C LEU C 92 1.44 -10.49 -14.17
N LYS C 93 1.81 -9.84 -15.27
CA LYS C 93 3.21 -9.76 -15.69
C LYS C 93 3.68 -8.34 -15.38
N LEU C 94 5.01 -8.14 -15.27
CA LEU C 94 5.61 -6.81 -15.09
C LEU C 94 4.97 -5.83 -16.08
N GLY C 95 4.46 -4.72 -15.56
CA GLY C 95 3.87 -3.66 -16.38
C GLY C 95 2.39 -3.76 -16.66
N ASP C 96 1.73 -4.87 -16.24
CA ASP C 96 0.29 -5.08 -16.45
C ASP C 96 -0.55 -4.17 -15.58
N GLU C 97 -1.73 -3.76 -16.09
CA GLU C 97 -2.72 -2.97 -15.33
C GLU C 97 -3.30 -3.85 -14.22
N MET C 98 -3.65 -3.22 -13.11
CA MET C 98 -4.18 -3.88 -11.93
C MET C 98 -5.48 -3.18 -11.49
N GLY C 99 -6.61 -3.64 -12.05
CA GLY C 99 -7.95 -3.09 -11.84
C GLY C 99 -8.67 -3.31 -10.50
N GLY C 100 -8.22 -4.29 -9.72
CA GLY C 100 -8.79 -4.61 -8.42
C GLY C 100 -7.83 -4.21 -7.31
N HIS C 101 -7.28 -5.18 -6.56
CA HIS C 101 -6.28 -4.89 -5.54
C HIS C 101 -5.13 -5.87 -5.69
N LEU C 102 -4.19 -5.94 -4.77
CA LEU C 102 -3.11 -6.90 -4.92
C LEU C 102 -3.59 -8.20 -4.26
N VAL C 103 -3.77 -9.24 -5.08
CA VAL C 103 -4.25 -10.56 -4.63
C VAL C 103 -3.13 -11.56 -4.82
N PHE C 104 -2.74 -12.23 -3.75
CA PHE C 104 -1.66 -13.22 -3.87
C PHE C 104 -2.17 -14.62 -4.23
N GLY C 105 -3.43 -14.92 -3.90
CA GLY C 105 -3.98 -16.25 -4.13
C GLY C 105 -3.56 -17.20 -3.02
N HIS C 106 -3.20 -16.62 -1.89
CA HIS C 106 -2.80 -17.32 -0.68
C HIS C 106 -3.99 -17.20 0.23
N VAL C 107 -4.92 -18.14 0.09
CA VAL C 107 -6.20 -18.18 0.79
C VAL C 107 -5.98 -18.40 2.28
N ASP C 108 -6.67 -17.59 3.09
CA ASP C 108 -6.59 -17.58 4.55
C ASP C 108 -7.57 -18.56 5.16
N GLY C 109 -8.63 -18.88 4.45
CA GLY C 109 -9.63 -19.82 4.93
C GLY C 109 -10.91 -19.70 4.15
N GLN C 110 -12.03 -20.02 4.78
CA GLN C 110 -13.33 -19.93 4.11
C GLN C 110 -14.30 -19.05 4.88
N ALA C 111 -15.13 -18.34 4.14
CA ALA C 111 -16.20 -17.53 4.70
C ALA C 111 -17.51 -18.20 4.30
N GLU C 112 -18.55 -18.04 5.11
CA GLU C 112 -19.84 -18.60 4.72
C GLU C 112 -20.85 -17.52 4.34
N ILE C 113 -21.59 -17.71 3.21
CA ILE C 113 -22.63 -16.75 2.83
C ILE C 113 -23.84 -17.03 3.74
N VAL C 114 -24.24 -16.04 4.52
CA VAL C 114 -25.36 -16.21 5.49
C VAL C 114 -26.62 -15.53 4.99
N GLU C 115 -26.45 -14.58 4.07
CA GLU C 115 -27.59 -13.92 3.47
C GLU C 115 -27.27 -13.37 2.09
N ARG C 116 -28.28 -13.39 1.19
CA ARG C 116 -28.21 -12.85 -0.15
C ARG C 116 -29.47 -11.98 -0.39
N LYS C 117 -29.29 -10.67 -0.60
CA LYS C 117 -30.43 -9.77 -0.85
C LYS C 117 -30.30 -8.95 -2.10
N ASP C 118 -31.34 -8.97 -2.93
CA ASP C 118 -31.42 -8.16 -4.14
C ASP C 118 -31.59 -6.70 -3.73
N GLU C 119 -30.81 -5.82 -4.37
CA GLU C 119 -30.85 -4.38 -4.13
C GLU C 119 -30.72 -3.63 -5.45
N GLY C 120 -31.69 -3.82 -6.33
CA GLY C 120 -31.72 -3.20 -7.65
C GLY C 120 -30.59 -3.63 -8.57
N ASP C 121 -29.61 -2.74 -8.81
CA ASP C 121 -28.48 -3.03 -9.70
C ASP C 121 -27.36 -3.86 -9.06
N ALA C 122 -27.56 -4.27 -7.81
CA ALA C 122 -26.55 -5.05 -7.07
C ALA C 122 -27.22 -6.07 -6.17
N VAL C 123 -26.46 -7.10 -5.77
CA VAL C 123 -26.92 -8.07 -4.79
C VAL C 123 -26.01 -7.87 -3.58
N ARG C 124 -26.60 -7.77 -2.41
CA ARG C 124 -25.84 -7.63 -1.20
C ARG C 124 -25.67 -9.04 -0.61
N PHE C 125 -24.42 -9.49 -0.45
CA PHE C 125 -24.13 -10.76 0.22
C PHE C 125 -23.62 -10.47 1.63
N THR C 126 -24.15 -11.17 2.62
CA THR C 126 -23.70 -11.09 4.02
C THR C 126 -22.95 -12.39 4.26
N LEU C 127 -21.73 -12.28 4.74
CA LEU C 127 -20.89 -13.46 4.99
C LEU C 127 -20.44 -13.51 6.43
N ARG C 128 -20.08 -14.71 6.90
CA ARG C 128 -19.51 -14.93 8.24
C ARG C 128 -18.05 -15.31 8.01
N ALA C 129 -17.15 -14.52 8.56
CA ALA C 129 -15.72 -14.75 8.43
C ALA C 129 -15.27 -15.64 9.60
N PRO C 130 -14.16 -16.41 9.47
CA PRO C 130 -13.65 -17.15 10.66
C PRO C 130 -13.29 -16.11 11.71
N GLU C 131 -13.49 -16.42 13.01
CA GLU C 131 -13.21 -15.48 14.13
C GLU C 131 -11.81 -14.86 14.12
N GLU C 132 -10.80 -15.60 13.64
CA GLU C 132 -9.40 -15.15 13.57
C GLU C 132 -9.17 -14.09 12.52
N LEU C 133 -10.02 -14.07 11.48
CA LEU C 133 -9.91 -13.12 10.38
C LEU C 133 -10.75 -11.88 10.61
N ALA C 134 -11.89 -12.02 11.34
CA ALA C 134 -12.82 -10.93 11.66
C ALA C 134 -12.21 -9.58 12.08
N PRO C 135 -11.22 -9.50 13.05
CA PRO C 135 -10.66 -8.17 13.41
C PRO C 135 -9.89 -7.48 12.28
N PHE C 136 -9.63 -8.19 11.16
CA PHE C 136 -8.87 -7.61 10.03
C PHE C 136 -9.73 -7.38 8.78
N ILE C 137 -11.05 -7.47 8.96
CA ILE C 137 -12.01 -7.12 7.90
C ILE C 137 -12.56 -5.75 8.33
N ALA C 138 -12.13 -4.67 7.63
CA ALA C 138 -12.55 -3.30 7.96
C ALA C 138 -13.41 -2.70 6.82
N GLN C 139 -14.36 -1.81 7.18
CA GLN C 139 -15.20 -1.11 6.19
C GLN C 139 -14.29 -0.36 5.24
N LYS C 140 -14.57 -0.43 3.92
CA LYS C 140 -13.79 0.16 2.84
C LYS C 140 -12.49 -0.57 2.51
N GLY C 141 -12.21 -1.65 3.25
CA GLY C 141 -11.06 -2.52 3.00
C GLY C 141 -11.29 -3.40 1.79
N SER C 142 -10.21 -3.82 1.11
CA SER C 142 -10.26 -4.70 -0.07
C SER C 142 -10.16 -6.20 0.38
N VAL C 143 -11.12 -7.06 -0.01
CA VAL C 143 -11.12 -8.48 0.38
C VAL C 143 -11.21 -9.32 -0.91
N ALA C 144 -10.58 -10.51 -0.97
CA ALA C 144 -10.70 -11.38 -2.15
C ALA C 144 -11.56 -12.54 -1.70
N LEU C 145 -12.74 -12.68 -2.33
CA LEU C 145 -13.71 -13.75 -2.00
C LEU C 145 -13.91 -14.55 -3.27
N ASP C 146 -13.48 -15.85 -3.26
CA ASP C 146 -13.41 -16.74 -4.46
C ASP C 146 -12.60 -16.03 -5.56
N GLY C 147 -11.54 -15.35 -5.13
CA GLY C 147 -10.63 -14.65 -6.03
C GLY C 147 -11.13 -13.32 -6.54
N THR C 148 -12.33 -12.87 -6.11
CA THR C 148 -12.95 -11.63 -6.58
C THR C 148 -12.61 -10.49 -5.65
N SER C 149 -12.06 -9.40 -6.21
CA SER C 149 -11.67 -8.23 -5.46
C SER C 149 -12.94 -7.50 -5.15
N LEU C 150 -13.24 -7.33 -3.85
CA LEU C 150 -14.48 -6.67 -3.37
C LEU C 150 -14.16 -5.73 -2.24
N THR C 151 -15.02 -4.73 -2.07
CA THR C 151 -14.90 -3.75 -0.99
C THR C 151 -15.84 -4.20 0.10
N VAL C 152 -15.34 -4.16 1.33
CA VAL C 152 -16.14 -4.48 2.47
C VAL C 152 -17.05 -3.26 2.65
N ASN C 153 -18.35 -3.48 2.47
CA ASN C 153 -19.39 -2.44 2.54
C ASN C 153 -19.74 -2.06 3.98
N GLY C 154 -19.78 -3.06 4.85
CA GLY C 154 -20.03 -2.88 6.28
C GLY C 154 -19.61 -4.10 7.08
N VAL C 155 -19.31 -3.91 8.38
CA VAL C 155 -18.94 -5.01 9.26
C VAL C 155 -19.87 -5.01 10.49
N ASN C 156 -20.14 -6.21 11.01
CA ASN C 156 -20.97 -6.39 12.20
C ASN C 156 -20.47 -7.65 12.87
N ALA C 157 -19.51 -7.47 13.82
CA ALA C 157 -18.86 -8.53 14.58
C ALA C 157 -18.09 -9.47 13.62
N ASN C 158 -18.49 -10.74 13.50
CA ASN C 158 -17.88 -11.72 12.62
C ASN C 158 -18.52 -11.69 11.22
N GLU C 159 -19.57 -10.84 11.05
CA GLU C 159 -20.27 -10.71 9.77
C GLU C 159 -19.82 -9.48 9.00
N PHE C 160 -19.90 -9.56 7.67
CA PHE C 160 -19.55 -8.45 6.83
C PHE C 160 -20.34 -8.56 5.53
N ASP C 161 -20.53 -7.41 4.88
CA ASP C 161 -21.29 -7.34 3.64
C ASP C 161 -20.43 -6.95 2.51
N VAL C 162 -20.81 -7.44 1.31
CA VAL C 162 -20.19 -7.06 0.05
C VAL C 162 -21.32 -6.85 -0.94
N LEU C 163 -21.12 -5.90 -1.85
CA LEU C 163 -22.06 -5.58 -2.92
C LEU C 163 -21.50 -6.10 -4.22
N LEU C 164 -22.32 -6.85 -4.96
CA LEU C 164 -21.93 -7.35 -6.25
C LEU C 164 -22.87 -6.80 -7.29
N ILE C 165 -22.33 -5.93 -8.16
CA ILE C 165 -23.11 -5.35 -9.26
C ILE C 165 -23.58 -6.49 -10.17
N ARG C 166 -24.75 -6.33 -10.82
CA ARG C 166 -25.31 -7.39 -11.69
C ARG C 166 -24.35 -8.00 -12.68
N HIS C 167 -23.56 -7.16 -13.37
CA HIS C 167 -22.60 -7.63 -14.37
C HIS C 167 -21.57 -8.60 -13.78
N SER C 168 -21.12 -8.36 -12.53
CA SER C 168 -20.15 -9.22 -11.84
C SER C 168 -20.71 -10.58 -11.58
N LEU C 169 -22.02 -10.67 -11.31
CA LEU C 169 -22.70 -11.95 -11.07
C LEU C 169 -22.76 -12.79 -12.33
N GLU C 170 -22.78 -12.16 -13.51
CA GLU C 170 -22.85 -12.88 -14.79
C GLU C 170 -21.51 -13.37 -15.22
N VAL C 171 -20.45 -12.61 -14.98
CA VAL C 171 -19.10 -12.95 -15.47
C VAL C 171 -18.21 -13.63 -14.41
N THR C 172 -18.78 -13.97 -13.25
CA THR C 172 -18.06 -14.71 -12.22
C THR C 172 -19.04 -15.75 -11.70
N THR C 173 -18.54 -16.68 -10.88
CA THR C 173 -19.38 -17.69 -10.21
C THR C 173 -20.31 -17.08 -9.14
N TRP C 174 -20.19 -15.79 -8.85
CA TRP C 174 -21.06 -15.16 -7.87
C TRP C 174 -22.57 -15.26 -8.21
N GLY C 175 -22.89 -15.40 -9.51
CA GLY C 175 -24.28 -15.54 -9.95
C GLY C 175 -24.95 -16.81 -9.44
N GLU C 176 -24.15 -17.83 -9.16
CA GLU C 176 -24.59 -19.13 -8.68
C GLU C 176 -24.65 -19.19 -7.16
N ARG C 177 -24.02 -18.22 -6.46
CA ARG C 177 -23.88 -18.27 -5.01
C ARG C 177 -25.17 -18.09 -4.24
N LYS C 178 -25.33 -18.88 -3.20
CA LYS C 178 -26.53 -18.84 -2.35
C LYS C 178 -26.18 -18.95 -0.89
N ALA C 179 -27.12 -18.59 0.00
CA ALA C 179 -26.92 -18.70 1.44
C ALA C 179 -26.52 -20.14 1.77
N GLY C 180 -25.54 -20.28 2.65
CA GLY C 180 -25.02 -21.60 2.99
C GLY C 180 -23.77 -21.98 2.24
N ASP C 181 -23.47 -21.29 1.11
CA ASP C 181 -22.25 -21.59 0.35
C ASP C 181 -21.01 -21.11 1.07
N LYS C 182 -19.91 -21.85 0.92
CA LYS C 182 -18.63 -21.43 1.44
C LYS C 182 -17.81 -20.86 0.27
N VAL C 183 -17.10 -19.78 0.55
CA VAL C 183 -16.24 -19.12 -0.43
C VAL C 183 -14.83 -18.99 0.17
N ASN C 184 -13.79 -18.96 -0.68
CA ASN C 184 -12.41 -18.76 -0.24
C ASN C 184 -12.25 -17.31 0.13
N ILE C 185 -11.55 -17.02 1.25
CA ILE C 185 -11.28 -15.66 1.68
C ILE C 185 -9.76 -15.40 1.82
N GLU C 186 -9.33 -14.28 1.23
CA GLU C 186 -7.99 -13.76 1.34
C GLU C 186 -8.03 -12.27 1.77
N ILE C 187 -7.39 -11.94 2.93
CA ILE C 187 -7.36 -10.53 3.38
C ILE C 187 -6.26 -9.77 2.61
N ASP C 188 -6.41 -8.44 2.36
CA ASP C 188 -5.41 -7.69 1.58
C ASP C 188 -4.08 -7.48 2.33
N GLN C 189 -3.11 -6.81 1.68
CA GLN C 189 -1.81 -6.55 2.28
C GLN C 189 -1.93 -5.66 3.53
N LEU C 190 -2.77 -4.62 3.49
CA LEU C 190 -2.90 -3.71 4.63
C LEU C 190 -3.44 -4.40 5.89
N ALA C 191 -4.47 -5.25 5.72
CA ALA C 191 -5.07 -6.02 6.83
C ALA C 191 -4.01 -6.99 7.42
N ARG C 192 -3.16 -7.56 6.53
CA ARG C 192 -2.07 -8.46 6.91
C ARG C 192 -1.01 -7.73 7.77
N TYR C 193 -0.66 -6.47 7.43
CA TYR C 193 0.25 -5.65 8.22
C TYR C 193 -0.38 -5.34 9.58
N ALA C 194 -1.72 -5.16 9.61
CA ALA C 194 -2.45 -4.97 10.86
C ALA C 194 -2.50 -6.33 11.63
N ALA C 195 -2.67 -7.47 10.90
CA ALA C 195 -2.76 -8.84 11.44
C ALA C 195 -1.47 -9.39 12.03
N ARG C 196 -0.31 -9.10 11.39
CA ARG C 196 1.00 -9.53 11.87
C ARG C 196 1.33 -8.73 13.14
N LEU C 197 0.90 -7.44 13.19
CA LEU C 197 1.07 -6.53 14.32
C LEU C 197 0.13 -6.90 15.48
#